data_3R9V
#
_entry.id   3R9V
#
_cell.length_a   62.974
_cell.length_b   43.719
_cell.length_c   93.757
_cell.angle_alpha   90.00
_cell.angle_beta   97.42
_cell.angle_gamma   90.00
#
_symmetry.space_group_name_H-M   'P 1 21 1'
#
loop_
_entity.id
_entity.type
_entity.pdbx_description
1 polymer 'Invasin ipaD'
2 non-polymer GLYCEROL
3 non-polymer '(3ALPHA,5BETA,12ALPHA)-3,12-DIHYDROXYCHOLAN-24-OIC ACID'
4 water water
#
_entity_poly.entity_id   1
_entity_poly.type   'polypeptide(L)'
_entity_poly.pdbx_seq_one_letter_code
;GSHPVSSLTMLNDTLHNIRTTNQALKKELSQKTLTKTSLEEIALHSSQISMDVNKSAQLLDILSRNEYPINKDARELLHS
APKEAELDGDQMISHRELWAKIANSINDINEQYLKVYEHAVSSYTQMYQDFSAVLSSLAGWISPGGNDGNSVKLQVNSLK
KALEELKEKYKDKPLYPANNTVSQEQANKWLTELGGTIGKVSQKNGGYVVSINMTPIDNMLKSLDNLGGNGEVVLDNAKY
QAWNAGFSAEDETMKNNLQTLVQKYSNANSIFDNLVKVLSSTISSS
;
_entity_poly.pdbx_strand_id   A,B
#
# COMPACT_ATOMS: atom_id res chain seq x y z
N GLU A 86 23.27 -28.68 -7.60
CA GLU A 86 22.00 -29.34 -7.31
C GLU A 86 21.91 -29.73 -5.84
N LEU A 87 20.70 -30.08 -5.41
CA LEU A 87 20.42 -30.43 -4.02
C LEU A 87 21.17 -31.67 -3.57
N ASP A 88 21.84 -31.59 -2.41
CA ASP A 88 22.50 -32.73 -1.79
C ASP A 88 22.04 -32.90 -0.34
N GLY A 89 21.05 -33.76 -0.12
CA GLY A 89 20.50 -33.97 1.20
C GLY A 89 21.48 -34.47 2.26
N ASP A 90 22.56 -35.12 1.85
CA ASP A 90 23.49 -35.66 2.86
C ASP A 90 24.53 -34.68 3.39
N GLN A 91 24.57 -33.48 2.81
CA GLN A 91 25.51 -32.45 3.26
C GLN A 91 25.27 -32.15 4.73
N MET A 92 26.34 -32.08 5.52
CA MET A 92 26.19 -31.85 6.94
C MET A 92 26.78 -30.51 7.30
N ILE A 93 26.27 -29.93 8.38
CA ILE A 93 26.74 -28.64 8.85
C ILE A 93 26.57 -28.58 10.37
N SER A 94 27.55 -28.01 11.08
CA SER A 94 27.40 -27.87 12.53
C SER A 94 26.41 -26.78 12.85
N HIS A 95 25.78 -26.86 14.02
CA HIS A 95 24.83 -25.83 14.44
C HIS A 95 25.47 -24.43 14.47
N ARG A 96 26.73 -24.39 14.91
CA ARG A 96 27.47 -23.13 15.07
C ARG A 96 27.70 -22.51 13.68
N GLU A 97 28.03 -23.34 12.69
CA GLU A 97 28.25 -22.82 11.34
C GLU A 97 26.90 -22.39 10.72
N LEU A 98 25.83 -23.09 11.08
CA LEU A 98 24.49 -22.70 10.64
C LEU A 98 24.10 -21.33 11.21
N TRP A 99 24.40 -21.08 12.48
CA TRP A 99 24.03 -19.79 13.09
C TRP A 99 24.72 -18.64 12.35
N ALA A 100 26.01 -18.83 12.07
CA ALA A 100 26.82 -17.82 11.39
C ALA A 100 26.37 -17.63 9.94
N LYS A 101 25.97 -18.71 9.29
CA LYS A 101 25.47 -18.63 7.91
C LYS A 101 24.14 -17.89 7.86
N ILE A 102 23.25 -18.16 8.80
CA ILE A 102 21.99 -17.44 8.83
C ILE A 102 22.25 -15.94 9.09
N ALA A 103 23.15 -15.64 10.03
CA ALA A 103 23.47 -14.24 10.34
C ALA A 103 24.01 -13.50 9.12
N ASN A 104 24.96 -14.11 8.42
CA ASN A 104 25.51 -13.55 7.19
C ASN A 104 24.42 -13.25 6.16
N SER A 105 23.49 -14.19 5.99
CA SER A 105 22.42 -13.95 5.01
C SER A 105 21.48 -12.84 5.41
N ILE A 106 21.10 -12.79 6.68
CA ILE A 106 20.22 -11.73 7.19
C ILE A 106 20.83 -10.35 6.97
N ASN A 107 22.13 -10.25 7.28
CA ASN A 107 22.86 -9.02 6.98
C ASN A 107 22.86 -8.67 5.50
N ASP A 108 23.09 -9.67 4.65
CA ASP A 108 23.15 -9.41 3.20
C ASP A 108 21.81 -8.93 2.66
N ILE A 109 20.73 -9.54 3.12
CA ILE A 109 19.39 -9.11 2.68
C ILE A 109 19.05 -7.71 3.16
N ASN A 110 19.46 -7.40 4.39
CA ASN A 110 19.27 -6.04 4.89
C ASN A 110 20.02 -5.03 4.00
N GLU A 111 21.26 -5.34 3.65
CA GLU A 111 22.09 -4.40 2.89
C GLU A 111 21.66 -4.26 1.43
N GLN A 112 21.27 -5.37 0.83
CA GLN A 112 21.11 -5.43 -0.62
C GLN A 112 19.65 -5.30 -1.06
N TYR A 113 18.75 -5.24 -0.08
CA TYR A 113 17.32 -5.22 -0.36
C TYR A 113 16.57 -4.21 0.52
N LEU A 114 16.52 -4.45 1.83
CA LEU A 114 15.77 -3.53 2.69
C LEU A 114 16.29 -2.10 2.66
N LYS A 115 17.60 -1.92 2.80
CA LYS A 115 18.17 -0.57 2.79
C LYS A 115 18.05 0.13 1.43
N VAL A 116 18.04 -0.64 0.33
CA VAL A 116 17.81 -0.07 -0.99
C VAL A 116 16.40 0.50 -1.11
N TYR A 117 15.39 -0.30 -0.76
CA TYR A 117 14.01 0.19 -0.69
C TYR A 117 13.83 1.41 0.22
N GLU A 118 14.43 1.36 1.40
CA GLU A 118 14.30 2.46 2.35
C GLU A 118 14.75 3.77 1.72
N HIS A 119 15.89 3.74 1.04
CA HIS A 119 16.41 4.95 0.40
C HIS A 119 15.58 5.38 -0.81
N ALA A 120 15.08 4.41 -1.57
CA ALA A 120 14.15 4.72 -2.66
C ALA A 120 12.92 5.49 -2.14
N VAL A 121 12.29 4.95 -1.10
CA VAL A 121 11.15 5.62 -0.48
C VAL A 121 11.51 7.02 0.00
N SER A 122 12.62 7.14 0.73
CA SER A 122 13.07 8.43 1.25
C SER A 122 13.25 9.46 0.13
N SER A 123 13.95 9.05 -0.94
CA SER A 123 14.20 9.94 -2.07
C SER A 123 12.92 10.39 -2.77
N TYR A 124 12.02 9.47 -3.07
CA TYR A 124 10.77 9.88 -3.74
C TYR A 124 9.91 10.77 -2.83
N THR A 125 9.92 10.45 -1.53
CA THR A 125 9.19 11.22 -0.54
C THR A 125 9.68 12.66 -0.47
N GLN A 126 10.99 12.85 -0.45
CA GLN A 126 11.56 14.19 -0.48
C GLN A 126 11.21 14.97 -1.74
N MET A 127 11.27 14.31 -2.88
CA MET A 127 10.87 14.97 -4.12
C MET A 127 9.42 15.42 -4.05
N TYR A 128 8.53 14.54 -3.61
CA TYR A 128 7.11 14.89 -3.60
C TYR A 128 6.81 15.97 -2.54
N GLN A 129 7.56 15.95 -1.45
CA GLN A 129 7.51 17.01 -0.43
C GLN A 129 7.88 18.36 -1.03
N ASP A 130 8.94 18.38 -1.83
CA ASP A 130 9.37 19.61 -2.47
C ASP A 130 8.33 20.05 -3.50
N PHE A 131 7.79 19.09 -4.24
CA PHE A 131 6.69 19.43 -5.15
C PHE A 131 5.46 19.99 -4.40
N SER A 132 5.17 19.46 -3.22
CA SER A 132 4.02 19.94 -2.43
C SER A 132 4.20 21.40 -2.02
N ALA A 133 5.46 21.79 -1.77
CA ALA A 133 5.75 23.19 -1.48
C ALA A 133 5.46 24.07 -2.70
N VAL A 134 5.77 23.57 -3.89
CA VAL A 134 5.44 24.28 -5.13
C VAL A 134 3.91 24.45 -5.24
N LEU A 135 3.18 23.40 -4.90
CA LEU A 135 1.73 23.43 -4.90
C LEU A 135 1.23 24.55 -4.00
N SER A 136 1.85 24.70 -2.83
CA SER A 136 1.44 25.75 -1.90
C SER A 136 1.72 27.13 -2.49
N SER A 137 2.89 27.26 -3.11
CA SER A 137 3.30 28.51 -3.77
C SER A 137 2.36 28.93 -4.91
N LEU A 138 1.83 27.94 -5.61
CA LEU A 138 0.93 28.16 -6.74
C LEU A 138 -0.26 29.07 -6.43
N ALA A 139 -0.77 28.99 -5.20
CA ALA A 139 -1.86 29.87 -4.77
C ALA A 139 -1.51 31.36 -4.95
N GLY A 140 -0.23 31.68 -4.80
CA GLY A 140 0.25 33.05 -4.98
C GLY A 140 0.56 33.39 -6.43
N TRP A 141 0.38 32.41 -7.32
CA TRP A 141 0.69 32.60 -8.74
C TRP A 141 -0.56 32.49 -9.61
N ILE A 142 -1.73 32.38 -8.98
CA ILE A 142 -2.99 32.48 -9.68
C ILE A 142 -3.87 33.53 -8.99
N SER A 143 -4.57 34.32 -9.81
CA SER A 143 -5.46 35.34 -9.28
C SER A 143 -6.46 35.76 -10.34
N PRO A 144 -7.58 36.37 -9.93
CA PRO A 144 -8.62 36.78 -10.89
C PRO A 144 -8.08 37.80 -11.88
N GLY A 145 -8.45 37.66 -13.14
CA GLY A 145 -7.93 38.53 -14.19
C GLY A 145 -8.90 38.72 -15.33
N GLY A 146 -8.42 39.27 -16.43
CA GLY A 146 -9.23 39.42 -17.62
C GLY A 146 -10.43 40.34 -17.48
N ASN A 147 -10.23 41.45 -16.77
CA ASN A 147 -11.26 42.50 -16.69
C ASN A 147 -12.61 42.04 -16.15
N ASP A 148 -12.58 41.12 -15.19
CA ASP A 148 -13.81 40.61 -14.57
C ASP A 148 -14.77 40.00 -15.60
N GLY A 149 -14.97 38.69 -15.51
CA GLY A 149 -15.84 37.99 -16.43
C GLY A 149 -16.41 36.70 -15.85
N ASN A 150 -15.55 35.92 -15.21
CA ASN A 150 -14.15 36.30 -15.03
C ASN A 150 -13.19 35.19 -15.46
N SER A 151 -11.90 35.50 -15.44
CA SER A 151 -10.86 34.56 -15.81
C SER A 151 -9.79 34.41 -14.73
N VAL A 152 -8.80 33.57 -15.03
CA VAL A 152 -7.70 33.32 -14.11
C VAL A 152 -6.39 33.76 -14.75
N LYS A 153 -5.63 34.55 -13.99
CA LYS A 153 -4.32 34.99 -14.42
C LYS A 153 -3.24 34.10 -13.80
N LEU A 154 -2.61 33.29 -14.64
CA LEU A 154 -1.58 32.34 -14.19
C LEU A 154 -0.20 32.86 -14.47
N GLN A 155 0.59 33.07 -13.41
CA GLN A 155 1.99 33.45 -13.56
C GLN A 155 2.86 32.28 -14.02
N VAL A 156 2.85 32.03 -15.33
CA VAL A 156 3.48 30.87 -15.94
C VAL A 156 4.97 30.78 -15.68
N ASN A 157 5.68 31.90 -15.79
CA ASN A 157 7.12 31.89 -15.57
C ASN A 157 7.51 31.53 -14.15
N SER A 158 6.72 31.97 -13.18
CA SER A 158 7.00 31.61 -11.79
C SER A 158 6.87 30.10 -11.54
N LEU A 159 5.75 29.52 -11.97
CA LEU A 159 5.55 28.08 -11.87
C LEU A 159 6.63 27.32 -12.65
N LYS A 160 6.84 27.73 -13.89
CA LYS A 160 7.87 27.12 -14.74
C LYS A 160 9.23 27.11 -14.06
N LYS A 161 9.58 28.22 -13.43
CA LYS A 161 10.85 28.35 -12.75
C LYS A 161 10.96 27.36 -11.60
N ALA A 162 9.91 27.26 -10.79
CA ALA A 162 9.94 26.39 -9.62
C ALA A 162 10.07 24.91 -10.02
N LEU A 163 9.38 24.54 -11.10
CA LEU A 163 9.38 23.16 -11.57
C LEU A 163 10.74 22.81 -12.16
N GLU A 164 11.35 23.76 -12.84
CA GLU A 164 12.70 23.55 -13.37
C GLU A 164 13.71 23.36 -12.23
N GLU A 165 13.59 24.19 -11.19
CA GLU A 165 14.46 24.07 -10.02
C GLU A 165 14.30 22.72 -9.32
N LEU A 166 13.07 22.22 -9.31
CA LEU A 166 12.76 20.93 -8.71
C LEU A 166 13.51 19.83 -9.46
N LYS A 167 13.35 19.79 -10.78
CA LYS A 167 14.08 18.83 -11.60
C LYS A 167 15.59 18.94 -11.38
N GLU A 168 16.08 20.17 -11.29
CA GLU A 168 17.52 20.39 -11.14
C GLU A 168 18.01 19.77 -9.83
N LYS A 169 17.27 20.01 -8.76
CA LYS A 169 17.62 19.48 -7.45
C LYS A 169 17.78 17.96 -7.42
N TYR A 170 16.92 17.26 -8.17
CA TYR A 170 16.88 15.79 -8.10
C TYR A 170 17.67 15.06 -9.18
N LYS A 171 18.34 15.84 -10.03
CA LYS A 171 19.15 15.31 -11.12
C LYS A 171 20.25 14.39 -10.58
N ASP A 172 20.78 14.72 -9.41
CA ASP A 172 21.84 13.93 -8.81
C ASP A 172 21.41 13.27 -7.49
N LYS A 173 20.11 13.01 -7.36
CA LYS A 173 19.58 12.33 -6.18
C LYS A 173 18.74 11.15 -6.64
N PRO A 174 19.40 10.03 -6.98
CA PRO A 174 18.67 8.90 -7.57
C PRO A 174 17.89 8.09 -6.55
N LEU A 175 17.02 7.20 -7.02
CA LEU A 175 16.33 6.28 -6.13
C LEU A 175 17.33 5.27 -5.60
N TYR A 176 18.28 4.91 -6.46
CA TYR A 176 19.26 3.84 -6.18
C TYR A 176 20.45 4.03 -7.13
N PRO A 177 21.69 3.92 -6.59
CA PRO A 177 22.00 3.67 -5.19
C PRO A 177 22.19 4.98 -4.44
N ALA A 178 22.23 4.93 -3.12
CA ALA A 178 22.40 6.15 -2.31
C ALA A 178 23.74 6.85 -2.57
N ASN A 179 24.79 6.09 -2.84
CA ASN A 179 26.11 6.68 -3.09
C ASN A 179 26.77 6.09 -4.33
N ASN A 180 27.52 6.91 -5.06
CA ASN A 180 28.26 6.43 -6.20
C ASN A 180 27.35 5.85 -7.29
N THR A 181 27.85 4.82 -7.98
CA THR A 181 27.15 4.27 -9.12
C THR A 181 27.16 2.75 -9.07
N VAL A 182 26.44 2.11 -9.99
CA VAL A 182 26.44 0.66 -10.12
C VAL A 182 26.52 0.31 -11.60
N SER A 183 26.62 -0.99 -11.91
CA SER A 183 26.71 -1.43 -13.30
C SER A 183 25.34 -1.30 -14.00
N GLN A 184 25.34 -1.33 -15.33
CA GLN A 184 24.08 -1.26 -16.06
C GLN A 184 23.15 -2.43 -15.71
N GLU A 185 23.75 -3.57 -15.43
CA GLU A 185 23.01 -4.76 -15.09
C GLU A 185 22.34 -4.59 -13.75
N GLN A 186 23.05 -4.07 -12.78
CA GLN A 186 22.53 -3.81 -11.44
C GLN A 186 21.41 -2.77 -11.54
N ALA A 187 21.66 -1.68 -12.27
CA ALA A 187 20.64 -0.66 -12.49
C ALA A 187 19.36 -1.21 -13.13
N ASN A 188 19.51 -2.03 -14.16
CA ASN A 188 18.36 -2.66 -14.82
C ASN A 188 17.56 -3.53 -13.88
N LYS A 189 18.26 -4.27 -13.03
CA LYS A 189 17.62 -5.15 -12.07
C LYS A 189 16.70 -4.32 -11.17
N TRP A 190 17.24 -3.26 -10.62
CA TRP A 190 16.44 -2.45 -9.71
C TRP A 190 15.37 -1.63 -10.42
N LEU A 191 15.59 -1.27 -11.69
CA LEU A 191 14.55 -0.59 -12.45
C LEU A 191 13.33 -1.51 -12.51
N THR A 192 13.56 -2.76 -12.86
CA THR A 192 12.49 -3.75 -12.96
C THR A 192 11.80 -3.95 -11.61
N GLU A 193 12.57 -3.96 -10.52
CA GLU A 193 11.98 -4.12 -9.20
C GLU A 193 11.10 -2.92 -8.83
N LEU A 194 11.60 -1.71 -9.04
CA LEU A 194 10.85 -0.49 -8.67
C LEU A 194 9.77 -0.06 -9.66
N GLY A 195 9.95 -0.40 -10.93
CA GLY A 195 9.00 -0.01 -11.97
C GLY A 195 9.51 1.12 -12.85
N GLY A 196 9.31 0.97 -14.16
CA GLY A 196 9.82 1.94 -15.13
C GLY A 196 9.04 3.25 -15.17
N THR A 197 7.96 3.32 -14.41
CA THR A 197 7.19 4.55 -14.29
C THR A 197 7.85 5.43 -13.24
N ILE A 198 8.41 4.80 -12.21
CA ILE A 198 8.90 5.56 -11.06
C ILE A 198 10.39 5.88 -11.16
N GLY A 199 11.15 4.97 -11.78
CA GLY A 199 12.58 5.18 -11.97
C GLY A 199 12.98 5.23 -13.43
N LYS A 200 14.21 5.68 -13.68
CA LYS A 200 14.73 5.73 -15.04
C LYS A 200 16.23 5.48 -14.99
N VAL A 201 16.68 4.47 -15.71
CA VAL A 201 18.12 4.18 -15.68
C VAL A 201 18.88 5.30 -16.39
N SER A 202 19.91 5.84 -15.74
CA SER A 202 20.73 6.83 -16.43
C SER A 202 22.23 6.68 -16.14
N GLN A 203 23.03 6.97 -17.12
CA GLN A 203 24.44 6.79 -17.02
C GLN A 203 25.08 8.05 -16.55
N LYS A 204 25.99 7.97 -15.60
CA LYS A 204 26.55 9.15 -14.98
C LYS A 204 27.89 9.51 -15.56
N ASN A 205 28.51 8.47 -16.04
CA ASN A 205 29.40 8.36 -17.17
C ASN A 205 29.96 6.96 -17.18
N GLY A 206 30.95 6.68 -16.39
CA GLY A 206 31.29 5.30 -16.25
C GLY A 206 30.14 4.40 -15.76
N GLY A 207 29.57 4.65 -14.59
CA GLY A 207 28.51 3.70 -14.27
C GLY A 207 27.12 4.30 -14.33
N TYR A 208 26.14 3.56 -13.83
CA TYR A 208 24.75 4.01 -13.82
C TYR A 208 24.04 4.25 -12.49
N VAL A 209 22.85 4.84 -12.55
CA VAL A 209 21.97 4.94 -11.40
C VAL A 209 20.54 4.71 -11.85
N VAL A 210 19.64 4.51 -10.90
CA VAL A 210 18.22 4.51 -11.23
C VAL A 210 17.68 5.83 -10.72
N SER A 211 17.48 6.77 -11.64
CA SER A 211 17.05 8.12 -11.29
C SER A 211 15.55 8.13 -11.00
N ILE A 212 15.10 9.17 -10.32
CA ILE A 212 13.67 9.41 -10.21
C ILE A 212 13.15 9.79 -11.59
N ASN A 213 12.13 9.09 -12.07
CA ASN A 213 11.53 9.40 -13.38
C ASN A 213 10.67 10.65 -13.26
N MET A 214 11.11 11.73 -13.88
CA MET A 214 10.45 13.03 -13.71
C MET A 214 9.42 13.36 -14.81
N THR A 215 9.00 12.34 -15.57
CA THR A 215 8.00 12.54 -16.63
C THR A 215 6.76 13.36 -16.21
N PRO A 216 6.24 13.15 -14.99
CA PRO A 216 5.13 14.00 -14.54
C PRO A 216 5.46 15.50 -14.59
N ILE A 217 6.65 15.87 -14.11
CA ILE A 217 7.09 17.26 -14.15
C ILE A 217 7.36 17.73 -15.58
N ASP A 218 7.97 16.87 -16.39
CA ASP A 218 8.20 17.23 -17.79
C ASP A 218 6.89 17.46 -18.52
N ASN A 219 5.88 16.67 -18.21
CA ASN A 219 4.56 16.83 -18.81
C ASN A 219 3.95 18.17 -18.42
N MET A 220 4.06 18.51 -17.13
CA MET A 220 3.57 19.81 -16.65
C MET A 220 4.25 20.95 -17.39
N LEU A 221 5.57 20.85 -17.59
CA LEU A 221 6.32 21.90 -18.26
C LEU A 221 5.91 22.07 -19.72
N LYS A 222 5.69 20.95 -20.41
CA LYS A 222 5.29 21.01 -21.81
C LYS A 222 3.93 21.65 -21.95
N SER A 223 3.04 21.33 -21.02
CA SER A 223 1.69 21.88 -21.03
C SER A 223 1.71 23.39 -20.77
N LEU A 224 2.55 23.83 -19.84
CA LEU A 224 2.70 25.26 -19.58
C LEU A 224 3.23 25.97 -20.82
N ASP A 225 4.13 25.31 -21.53
CA ASP A 225 4.72 25.87 -22.74
C ASP A 225 3.62 26.08 -23.78
N ASN A 226 2.69 25.13 -23.84
CA ASN A 226 1.63 25.17 -24.84
C ASN A 226 0.55 26.22 -24.58
N LEU A 227 0.47 26.73 -23.35
CA LEU A 227 -0.50 27.78 -23.05
C LEU A 227 -0.17 29.04 -23.84
N GLY A 228 1.00 29.07 -24.45
CA GLY A 228 1.46 30.22 -25.19
C GLY A 228 1.62 31.43 -24.28
N GLY A 229 1.33 32.61 -24.81
CA GLY A 229 1.45 33.84 -24.05
C GLY A 229 2.88 34.15 -23.65
N ASN A 230 3.07 34.54 -22.40
CA ASN A 230 4.39 34.86 -21.88
C ASN A 230 4.52 34.56 -20.40
N GLY A 231 5.19 35.46 -19.68
CA GLY A 231 5.38 35.29 -18.25
C GLY A 231 4.07 35.15 -17.50
N GLU A 232 2.99 35.58 -18.13
CA GLU A 232 1.66 35.51 -17.52
C GLU A 232 0.58 35.30 -18.58
N VAL A 233 -0.41 34.47 -18.25
CA VAL A 233 -1.50 34.17 -19.17
C VAL A 233 -2.86 34.32 -18.49
N VAL A 234 -3.83 34.86 -19.21
CA VAL A 234 -5.19 34.95 -18.70
C VAL A 234 -6.02 33.84 -19.34
N LEU A 235 -6.59 32.99 -18.50
CA LEU A 235 -7.30 31.82 -18.96
C LEU A 235 -8.76 31.94 -18.60
N ASP A 236 -9.64 31.86 -19.60
CA ASP A 236 -11.08 31.83 -19.33
C ASP A 236 -11.45 30.53 -18.63
N ASN A 237 -12.71 30.38 -18.22
CA ASN A 237 -13.12 29.17 -17.51
C ASN A 237 -12.74 27.89 -18.25
N ALA A 238 -13.08 27.80 -19.54
CA ALA A 238 -12.80 26.60 -20.32
C ALA A 238 -11.30 26.24 -20.38
N LYS A 239 -10.45 27.21 -20.69
CA LYS A 239 -9.02 26.93 -20.81
C LYS A 239 -8.39 26.65 -19.46
N TYR A 240 -8.95 27.22 -18.39
CA TYR A 240 -8.39 26.94 -17.06
C TYR A 240 -8.77 25.53 -16.60
N GLN A 241 -10.05 25.18 -16.78
CA GLN A 241 -10.49 23.85 -16.42
C GLN A 241 -9.65 22.77 -17.12
N ALA A 242 -9.37 23.00 -18.40
CA ALA A 242 -8.59 22.05 -19.19
C ALA A 242 -7.14 21.94 -18.69
N TRP A 243 -6.51 23.08 -18.46
CA TRP A 243 -5.13 23.05 -17.97
C TRP A 243 -5.03 22.41 -16.60
N ASN A 244 -5.91 22.82 -15.69
CA ASN A 244 -5.89 22.33 -14.32
C ASN A 244 -6.15 20.81 -14.24
N ALA A 245 -7.03 20.30 -15.10
CA ALA A 245 -7.28 18.86 -15.16
C ALA A 245 -6.03 18.04 -15.50
N GLY A 246 -5.24 18.51 -16.45
CA GLY A 246 -3.98 17.86 -16.79
C GLY A 246 -2.95 18.00 -15.67
N PHE A 247 -2.86 19.20 -15.11
CA PHE A 247 -1.86 19.44 -14.04
C PHE A 247 -2.13 18.56 -12.81
N SER A 248 -3.39 18.52 -12.40
CA SER A 248 -3.83 17.71 -11.26
C SER A 248 -3.61 16.22 -11.49
N ALA A 249 -3.81 15.77 -12.72
CA ALA A 249 -3.60 14.36 -13.04
C ALA A 249 -2.14 13.95 -12.87
N GLU A 250 -1.22 14.83 -13.26
CA GLU A 250 0.21 14.55 -13.06
C GLU A 250 0.61 14.56 -11.59
N ASP A 251 0.00 15.45 -10.81
CA ASP A 251 0.16 15.43 -9.36
C ASP A 251 -0.34 14.10 -8.79
N GLU A 252 -1.52 13.66 -9.21
CA GLU A 252 -2.07 12.38 -8.74
C GLU A 252 -1.22 11.19 -9.15
N THR A 253 -0.61 11.25 -10.34
CA THR A 253 0.30 10.20 -10.77
C THR A 253 1.48 10.04 -9.80
N MET A 254 2.06 11.16 -9.38
CA MET A 254 3.17 11.14 -8.42
C MET A 254 2.73 10.58 -7.05
N LYS A 255 1.54 10.98 -6.61
CA LYS A 255 0.97 10.45 -5.39
C LYS A 255 0.72 8.95 -5.49
N ASN A 256 0.20 8.50 -6.63
CA ASN A 256 0.03 7.06 -6.87
C ASN A 256 1.37 6.33 -6.86
N ASN A 257 2.37 6.91 -7.50
CA ASN A 257 3.72 6.32 -7.52
C ASN A 257 4.31 6.16 -6.12
N LEU A 258 4.18 7.22 -5.32
CA LEU A 258 4.69 7.19 -3.96
C LEU A 258 3.97 6.15 -3.11
N GLN A 259 2.66 6.06 -3.23
CA GLN A 259 1.88 5.06 -2.48
C GLN A 259 2.29 3.64 -2.84
N THR A 260 2.55 3.42 -4.13
CA THR A 260 3.03 2.12 -4.59
C THR A 260 4.41 1.74 -4.05
N LEU A 261 5.33 2.70 -4.06
CA LEU A 261 6.66 2.49 -3.50
C LEU A 261 6.63 2.18 -1.99
N VAL A 262 5.81 2.94 -1.25
CA VAL A 262 5.63 2.73 0.17
C VAL A 262 5.06 1.34 0.47
N GLN A 263 4.08 0.91 -0.32
CA GLN A 263 3.54 -0.45 -0.17
C GLN A 263 4.58 -1.53 -0.48
N LYS A 264 5.42 -1.30 -1.49
CA LYS A 264 6.43 -2.29 -1.84
C LYS A 264 7.45 -2.41 -0.71
N TYR A 265 7.75 -1.29 -0.07
CA TYR A 265 8.71 -1.28 1.05
C TYR A 265 8.13 -2.01 2.28
N SER A 266 6.87 -1.73 2.59
CA SER A 266 6.16 -2.47 3.64
C SER A 266 6.19 -3.98 3.36
N ASN A 267 5.90 -4.35 2.12
CA ASN A 267 5.99 -5.76 1.73
C ASN A 267 7.40 -6.32 1.92
N ALA A 268 8.42 -5.57 1.48
CA ALA A 268 9.81 -6.00 1.67
C ALA A 268 10.15 -6.27 3.14
N ASN A 269 9.72 -5.37 4.01
CA ASN A 269 9.92 -5.55 5.44
C ASN A 269 9.31 -6.84 5.98
N SER A 270 8.10 -7.18 5.51
CA SER A 270 7.42 -8.41 5.93
C SER A 270 8.03 -9.68 5.35
N ILE A 271 8.52 -9.59 4.11
CA ILE A 271 9.29 -10.70 3.53
C ILE A 271 10.56 -10.99 4.34
N PHE A 272 11.23 -9.91 4.75
CA PHE A 272 12.39 -10.05 5.66
C PHE A 272 12.01 -10.67 7.00
N ASP A 273 10.95 -10.17 7.63
CA ASP A 273 10.54 -10.74 8.91
C ASP A 273 10.25 -12.23 8.76
N ASN A 274 9.57 -12.59 7.67
CA ASN A 274 9.21 -13.98 7.46
C ASN A 274 10.43 -14.85 7.20
N LEU A 275 11.35 -14.35 6.42
CA LEU A 275 12.61 -15.07 6.21
C LEU A 275 13.33 -15.28 7.53
N VAL A 276 13.41 -14.26 8.37
CA VAL A 276 14.09 -14.40 9.67
C VAL A 276 13.43 -15.49 10.52
N LYS A 277 12.11 -15.49 10.49
CA LYS A 277 11.29 -16.48 11.19
C LYS A 277 11.50 -17.91 10.66
N VAL A 278 11.48 -18.08 9.34
CA VAL A 278 11.74 -19.40 8.75
C VAL A 278 13.14 -19.87 9.08
N LEU A 279 14.12 -18.98 8.97
CA LEU A 279 15.50 -19.41 9.19
C LEU A 279 15.78 -19.76 10.64
N SER A 280 15.17 -19.01 11.56
CA SER A 280 15.36 -19.29 12.98
C SER A 280 14.71 -20.61 13.38
N SER A 281 13.66 -21.00 12.66
CA SER A 281 12.99 -22.27 12.96
C SER A 281 13.81 -23.49 12.55
N THR A 282 14.85 -23.31 11.73
CA THR A 282 15.72 -24.44 11.35
C THR A 282 16.60 -24.92 12.49
N ILE A 283 16.68 -24.13 13.56
CA ILE A 283 17.53 -24.46 14.71
C ILE A 283 16.70 -24.63 15.98
N GLY B 89 26.83 -26.04 19.84
CA GLY B 89 27.37 -25.63 18.56
C GLY B 89 27.95 -26.75 17.71
N ASP B 90 28.43 -27.80 18.37
CA ASP B 90 29.13 -28.84 17.63
C ASP B 90 28.25 -29.93 17.01
N GLN B 91 27.00 -29.97 17.44
CA GLN B 91 26.03 -30.93 16.90
C GLN B 91 25.90 -30.76 15.39
N MET B 92 25.80 -31.87 14.66
CA MET B 92 25.69 -31.80 13.21
C MET B 92 24.24 -31.94 12.76
N ILE B 93 23.90 -31.28 11.66
CA ILE B 93 22.58 -31.41 11.06
C ILE B 93 22.72 -31.54 9.54
N SER B 94 21.87 -32.38 8.94
CA SER B 94 21.93 -32.57 7.49
C SER B 94 21.03 -31.57 6.75
N HIS B 95 21.35 -31.29 5.50
CA HIS B 95 20.52 -30.40 4.68
C HIS B 95 19.10 -30.92 4.54
N ARG B 96 18.96 -32.25 4.47
CA ARG B 96 17.68 -32.93 4.39
C ARG B 96 16.77 -32.49 5.54
N GLU B 97 17.35 -32.50 6.74
CA GLU B 97 16.64 -32.07 7.93
C GLU B 97 16.26 -30.59 7.88
N LEU B 98 17.15 -29.77 7.33
CA LEU B 98 16.87 -28.34 7.15
C LEU B 98 15.70 -28.13 6.18
N TRP B 99 15.67 -28.92 5.11
CA TRP B 99 14.58 -28.77 4.14
C TRP B 99 13.24 -29.02 4.81
N ALA B 100 13.19 -30.03 5.67
CA ALA B 100 11.95 -30.40 6.35
C ALA B 100 11.48 -29.31 7.30
N LYS B 101 12.40 -28.69 8.02
CA LYS B 101 12.02 -27.57 8.88
C LYS B 101 11.49 -26.37 8.08
N ILE B 102 12.13 -26.07 6.95
CA ILE B 102 11.68 -24.96 6.13
C ILE B 102 10.28 -25.25 5.57
N ALA B 103 10.05 -26.50 5.19
CA ALA B 103 8.73 -26.88 4.65
C ALA B 103 7.66 -26.71 5.73
N ASN B 104 7.97 -27.14 6.94
CA ASN B 104 7.06 -26.99 8.07
C ASN B 104 6.69 -25.53 8.25
N SER B 105 7.69 -24.67 8.17
CA SER B 105 7.48 -23.25 8.42
C SER B 105 6.61 -22.63 7.31
N ILE B 106 6.89 -22.96 6.07
CA ILE B 106 6.08 -22.54 4.93
C ILE B 106 4.63 -23.00 5.10
N ASN B 107 4.44 -24.26 5.49
CA ASN B 107 3.08 -24.76 5.73
C ASN B 107 2.37 -23.99 6.83
N ASP B 108 3.07 -23.69 7.93
CA ASP B 108 2.47 -22.96 9.04
C ASP B 108 2.05 -21.53 8.65
N ILE B 109 2.86 -20.88 7.81
CA ILE B 109 2.50 -19.54 7.31
C ILE B 109 1.23 -19.58 6.46
N ASN B 110 1.13 -20.58 5.59
CA ASN B 110 -0.08 -20.70 4.78
C ASN B 110 -1.29 -20.90 5.69
N GLU B 111 -1.16 -21.78 6.68
CA GLU B 111 -2.29 -22.06 7.58
C GLU B 111 -2.63 -20.90 8.54
N GLN B 112 -1.59 -20.26 9.10
CA GLN B 112 -1.78 -19.30 10.17
C GLN B 112 -1.86 -17.86 9.70
N TYR B 113 -1.64 -17.63 8.41
CA TYR B 113 -1.62 -16.27 7.87
C TYR B 113 -2.50 -16.17 6.62
N LEU B 114 -2.14 -16.87 5.55
CA LEU B 114 -2.92 -16.75 4.31
C LEU B 114 -4.37 -17.23 4.45
N LYS B 115 -4.56 -18.38 5.07
CA LYS B 115 -5.90 -18.95 5.21
C LYS B 115 -6.79 -18.14 6.15
N VAL B 116 -6.17 -17.45 7.11
CA VAL B 116 -6.92 -16.55 7.98
C VAL B 116 -7.44 -15.37 7.18
N TYR B 117 -6.58 -14.76 6.36
CA TYR B 117 -6.98 -13.67 5.49
C TYR B 117 -8.07 -14.09 4.52
N GLU B 118 -7.88 -15.25 3.91
CA GLU B 118 -8.85 -15.76 2.93
C GLU B 118 -10.24 -15.80 3.54
N HIS B 119 -10.33 -16.40 4.73
CA HIS B 119 -11.62 -16.53 5.41
C HIS B 119 -12.23 -15.19 5.79
N ALA B 120 -11.40 -14.28 6.29
CA ALA B 120 -11.88 -12.93 6.63
C ALA B 120 -12.50 -12.26 5.40
N VAL B 121 -11.81 -12.30 4.28
CA VAL B 121 -12.34 -11.73 3.03
C VAL B 121 -13.66 -12.38 2.66
N SER B 122 -13.68 -13.70 2.67
CA SER B 122 -14.89 -14.47 2.38
C SER B 122 -16.05 -14.02 3.28
N SER B 123 -15.80 -13.94 4.58
CA SER B 123 -16.85 -13.58 5.53
C SER B 123 -17.42 -12.18 5.31
N TYR B 124 -16.54 -11.18 5.19
CA TYR B 124 -17.01 -9.81 5.03
C TYR B 124 -17.69 -9.66 3.67
N THR B 125 -17.20 -10.42 2.69
CA THR B 125 -17.75 -10.36 1.33
C THR B 125 -19.16 -10.93 1.27
N GLN B 126 -19.44 -11.92 2.13
CA GLN B 126 -20.75 -12.54 2.17
C GLN B 126 -21.78 -11.63 2.82
N MET B 127 -21.37 -10.95 3.90
CA MET B 127 -22.16 -9.95 4.61
C MET B 127 -22.52 -8.82 3.72
N TYR B 128 -21.54 -8.27 3.08
CA TYR B 128 -21.68 -7.09 2.25
C TYR B 128 -22.65 -7.35 1.08
N GLN B 129 -22.55 -8.54 0.51
CA GLN B 129 -23.41 -8.91 -0.61
C GLN B 129 -24.86 -8.93 -0.17
N ASP B 130 -25.09 -9.36 1.07
CA ASP B 130 -26.44 -9.39 1.64
C ASP B 130 -26.98 -7.98 1.84
N PHE B 131 -26.21 -7.11 2.48
CA PHE B 131 -26.63 -5.72 2.57
C PHE B 131 -26.83 -5.12 1.19
N SER B 132 -26.20 -5.72 0.19
CA SER B 132 -26.33 -5.25 -1.18
C SER B 132 -27.73 -5.53 -1.73
N ALA B 133 -28.31 -6.66 -1.31
CA ALA B 133 -29.66 -7.03 -1.73
C ALA B 133 -30.70 -6.16 -1.03
N VAL B 134 -30.45 -5.88 0.25
CA VAL B 134 -31.25 -4.92 0.99
C VAL B 134 -31.22 -3.59 0.28
N LEU B 135 -30.05 -3.24 -0.26
CA LEU B 135 -29.88 -1.99 -0.98
C LEU B 135 -30.73 -1.98 -2.25
N SER B 136 -30.96 -3.17 -2.82
CA SER B 136 -31.75 -3.30 -4.04
C SER B 136 -33.25 -3.06 -3.84
N SER B 137 -33.73 -3.36 -2.64
CA SER B 137 -35.15 -3.22 -2.34
C SER B 137 -35.56 -1.74 -2.25
N LEU B 159 -37.83 -2.66 6.31
CA LEU B 159 -36.43 -2.29 6.19
C LEU B 159 -35.69 -2.61 7.48
N LYS B 160 -35.98 -1.87 8.55
CA LYS B 160 -35.38 -2.14 9.85
C LYS B 160 -35.47 -3.63 10.12
N LYS B 161 -36.53 -4.25 9.61
CA LYS B 161 -36.71 -5.68 9.70
C LYS B 161 -35.52 -6.38 9.06
N ALA B 162 -35.21 -5.98 7.83
CA ALA B 162 -34.13 -6.58 7.05
C ALA B 162 -32.76 -6.33 7.67
N LEU B 163 -32.49 -5.07 8.01
CA LEU B 163 -31.22 -4.72 8.63
C LEU B 163 -30.97 -5.45 9.94
N GLU B 164 -32.01 -5.64 10.74
CA GLU B 164 -31.87 -6.33 12.01
C GLU B 164 -31.77 -7.85 11.82
N GLU B 165 -32.22 -8.33 10.66
CA GLU B 165 -32.09 -9.75 10.31
C GLU B 165 -30.76 -10.00 9.62
N LEU B 166 -30.15 -8.92 9.13
CA LEU B 166 -28.81 -9.00 8.58
C LEU B 166 -27.82 -9.18 9.73
N LYS B 167 -27.93 -8.30 10.72
CA LYS B 167 -27.09 -8.38 11.91
C LYS B 167 -27.29 -9.72 12.61
N GLU B 168 -28.46 -10.30 12.45
CA GLU B 168 -28.77 -11.58 13.05
C GLU B 168 -28.00 -12.68 12.34
N LYS B 169 -28.01 -12.64 11.01
CA LYS B 169 -27.40 -13.69 10.20
C LYS B 169 -25.91 -13.87 10.51
N TYR B 170 -25.23 -12.76 10.78
CA TYR B 170 -23.78 -12.78 10.94
C TYR B 170 -23.34 -12.56 12.39
N LYS B 171 -24.24 -12.87 13.33
CA LYS B 171 -23.93 -12.75 14.74
C LYS B 171 -22.93 -13.81 15.18
N ASP B 172 -22.92 -14.93 14.48
CA ASP B 172 -22.00 -16.03 14.77
C ASP B 172 -21.14 -16.37 13.56
N LYS B 173 -20.86 -15.36 12.74
CA LYS B 173 -19.96 -15.52 11.61
C LYS B 173 -18.84 -14.50 11.72
N PRO B 174 -17.82 -14.81 12.55
CA PRO B 174 -16.75 -13.84 12.77
C PRO B 174 -15.76 -13.81 11.61
N LEU B 175 -14.97 -12.75 11.53
CA LEU B 175 -13.92 -12.66 10.55
C LEU B 175 -12.86 -13.73 10.83
N TYR B 176 -12.62 -13.98 12.11
CA TYR B 176 -11.57 -14.90 12.56
C TYR B 176 -11.75 -15.26 14.03
N PRO B 177 -11.57 -16.54 14.39
CA PRO B 177 -11.23 -17.66 13.53
C PRO B 177 -12.45 -18.29 12.87
N ALA B 178 -12.22 -19.07 11.81
CA ALA B 178 -13.32 -19.73 11.12
C ALA B 178 -14.02 -20.73 12.05
N ASN B 179 -13.22 -21.46 12.82
CA ASN B 179 -13.75 -22.47 13.74
C ASN B 179 -13.29 -22.22 15.16
N ASN B 180 -14.18 -22.47 16.12
CA ASN B 180 -13.84 -22.37 17.54
C ASN B 180 -13.44 -20.95 17.95
N THR B 181 -12.54 -20.85 18.91
CA THR B 181 -12.16 -19.57 19.48
C THR B 181 -10.65 -19.44 19.65
N VAL B 182 -10.20 -18.27 20.09
CA VAL B 182 -8.79 -18.04 20.40
C VAL B 182 -8.67 -17.25 21.69
N SER B 183 -7.44 -17.02 22.15
CA SER B 183 -7.21 -16.21 23.33
C SER B 183 -7.45 -14.75 22.99
N GLN B 184 -7.66 -13.91 24.01
CA GLN B 184 -7.91 -12.50 23.79
C GLN B 184 -6.69 -11.85 23.14
N GLU B 185 -5.50 -12.30 23.54
CA GLU B 185 -4.26 -11.82 22.96
C GLU B 185 -4.23 -12.10 21.47
N GLN B 186 -4.63 -13.30 21.09
CA GLN B 186 -4.63 -13.69 19.69
C GLN B 186 -5.63 -12.80 18.91
N ALA B 187 -6.85 -12.72 19.41
CA ALA B 187 -7.87 -11.88 18.76
C ALA B 187 -7.39 -10.45 18.54
N ASN B 188 -6.71 -9.90 19.53
CA ASN B 188 -6.22 -8.54 19.42
C ASN B 188 -5.18 -8.37 18.32
N LYS B 189 -4.25 -9.30 18.18
CA LYS B 189 -3.25 -9.14 17.13
C LYS B 189 -3.92 -9.12 15.76
N TRP B 190 -4.91 -9.99 15.57
CA TRP B 190 -5.59 -10.05 14.28
C TRP B 190 -6.54 -8.87 14.06
N LEU B 191 -7.04 -8.28 15.13
CA LEU B 191 -7.85 -7.07 14.97
C LEU B 191 -6.92 -5.97 14.48
N THR B 192 -5.72 -5.92 15.04
CA THR B 192 -4.73 -4.94 14.61
C THR B 192 -4.37 -5.14 13.13
N GLU B 193 -4.14 -6.39 12.75
CA GLU B 193 -3.76 -6.70 11.38
C GLU B 193 -4.88 -6.32 10.39
N LEU B 194 -6.10 -6.74 10.69
CA LEU B 194 -7.25 -6.41 9.83
C LEU B 194 -7.73 -4.96 9.98
N GLY B 195 -7.76 -4.45 11.20
CA GLY B 195 -8.19 -3.07 11.46
C GLY B 195 -9.43 -2.96 12.34
N GLY B 196 -9.38 -2.07 13.32
CA GLY B 196 -10.46 -1.91 14.28
C GLY B 196 -11.76 -1.44 13.65
N THR B 197 -11.67 -0.90 12.44
CA THR B 197 -12.86 -0.44 11.73
C THR B 197 -13.66 -1.62 11.23
N ILE B 198 -12.96 -2.64 10.74
CA ILE B 198 -13.60 -3.77 10.09
C ILE B 198 -14.09 -4.84 11.07
N GLY B 199 -13.39 -4.99 12.20
CA GLY B 199 -13.71 -6.07 13.12
C GLY B 199 -13.84 -5.60 14.56
N LYS B 200 -14.25 -6.51 15.44
CA LYS B 200 -14.39 -6.21 16.86
C LYS B 200 -14.18 -7.44 17.73
N VAL B 201 -13.23 -7.35 18.67
CA VAL B 201 -12.95 -8.45 19.59
C VAL B 201 -14.15 -8.69 20.50
N SER B 202 -14.58 -9.95 20.57
CA SER B 202 -15.74 -10.32 21.37
C SER B 202 -15.48 -11.59 22.18
N GLN B 203 -15.86 -11.56 23.45
CA GLN B 203 -15.67 -12.70 24.34
C GLN B 203 -17.00 -13.44 24.15
N LYS B 204 -16.94 -14.61 23.53
CA LYS B 204 -18.15 -15.39 23.27
C LYS B 204 -18.47 -16.39 24.39
N ASN B 205 -17.45 -16.79 25.13
CA ASN B 205 -17.62 -17.79 26.18
C ASN B 205 -16.85 -19.06 25.84
N GLY B 206 -15.69 -19.22 26.47
CA GLY B 206 -14.79 -20.34 26.16
C GLY B 206 -13.60 -19.77 25.38
N GLY B 207 -13.66 -18.50 25.04
CA GLY B 207 -12.58 -17.85 24.32
C GLY B 207 -13.02 -16.57 23.65
N TYR B 208 -12.26 -16.12 22.66
CA TYR B 208 -12.57 -14.90 21.93
C TYR B 208 -12.64 -15.09 20.42
N VAL B 209 -13.34 -14.18 19.76
CA VAL B 209 -13.35 -14.10 18.30
C VAL B 209 -13.18 -12.65 17.84
N VAL B 210 -12.89 -12.48 16.56
CA VAL B 210 -12.89 -11.16 15.96
C VAL B 210 -14.12 -11.12 15.08
N SER B 211 -15.16 -10.48 15.60
CA SER B 211 -16.43 -10.34 14.90
C SER B 211 -16.35 -9.28 13.81
N ILE B 212 -17.25 -9.39 12.82
CA ILE B 212 -17.48 -8.30 11.89
C ILE B 212 -18.07 -7.10 12.65
N ASN B 213 -17.49 -5.93 12.45
CA ASN B 213 -17.96 -4.70 13.08
C ASN B 213 -19.19 -4.17 12.32
N MET B 214 -20.35 -4.15 12.99
CA MET B 214 -21.60 -3.75 12.34
C MET B 214 -22.01 -2.28 12.53
N THR B 215 -21.08 -1.45 12.98
CA THR B 215 -21.36 -0.03 13.21
C THR B 215 -22.05 0.71 12.04
N PRO B 216 -21.64 0.41 10.79
CA PRO B 216 -22.35 1.04 9.67
C PRO B 216 -23.85 0.77 9.69
N ILE B 217 -24.23 -0.47 10.02
CA ILE B 217 -25.63 -0.84 10.12
C ILE B 217 -26.33 -0.14 11.27
N ASP B 218 -25.70 -0.16 12.45
CA ASP B 218 -26.22 0.55 13.60
C ASP B 218 -26.44 2.02 13.28
N ASN B 219 -25.46 2.65 12.64
CA ASN B 219 -25.59 4.04 12.22
C ASN B 219 -26.84 4.29 11.37
N MET B 220 -27.17 3.32 10.52
CA MET B 220 -28.37 3.40 9.69
C MET B 220 -29.63 3.31 10.54
N LEU B 221 -29.71 2.30 11.40
CA LEU B 221 -30.86 2.12 12.27
C LEU B 221 -31.07 3.35 13.13
N LYS B 222 -29.96 3.99 13.50
CA LYS B 222 -29.98 5.23 14.26
C LYS B 222 -30.62 6.36 13.46
N SER B 223 -30.34 6.38 12.15
CA SER B 223 -30.91 7.38 11.25
C SER B 223 -32.38 7.10 10.95
N LEU B 224 -32.69 5.83 10.62
CA LEU B 224 -34.06 5.42 10.40
C LEU B 224 -34.95 5.75 11.59
N ASP B 225 -34.34 5.81 12.77
CA ASP B 225 -35.07 6.10 14.00
C ASP B 225 -35.46 7.58 14.04
N ASN B 226 -34.45 8.43 14.00
CA ASN B 226 -34.61 9.87 14.12
C ASN B 226 -35.61 10.48 13.12
N LEU B 227 -36.03 9.69 12.14
CA LEU B 227 -36.95 10.17 11.11
C LEU B 227 -38.38 10.28 11.64
N GLY B 228 -38.76 9.34 12.50
CA GLY B 228 -40.10 9.34 13.09
C GLY B 228 -41.08 8.48 12.30
N GLY B 229 -42.35 8.81 12.42
CA GLY B 229 -43.41 8.06 11.76
C GLY B 229 -43.87 6.89 12.61
N ASN B 230 -44.65 6.00 12.00
CA ASN B 230 -45.09 4.78 12.65
C ASN B 230 -44.38 3.56 12.07
N GLY B 231 -44.92 3.04 10.97
CA GLY B 231 -44.28 2.01 10.19
C GLY B 231 -43.98 2.56 8.82
N GLU B 232 -44.14 3.88 8.70
CA GLU B 232 -43.88 4.60 7.47
C GLU B 232 -43.71 6.06 7.82
N VAL B 233 -43.17 6.86 6.90
CA VAL B 233 -42.92 8.27 7.21
C VAL B 233 -42.84 9.13 5.96
N TRP B 243 -31.12 13.26 2.82
CA TRP B 243 -30.71 12.33 3.87
C TRP B 243 -29.87 11.20 3.28
N ASN B 244 -30.18 10.81 2.04
CA ASN B 244 -29.46 9.74 1.37
C ASN B 244 -27.95 9.89 1.50
N ALA B 245 -27.48 11.14 1.58
CA ALA B 245 -26.06 11.42 1.71
C ALA B 245 -25.43 10.65 2.87
N GLY B 246 -26.12 10.65 4.01
CA GLY B 246 -25.66 9.91 5.17
C GLY B 246 -25.73 8.41 4.97
N PHE B 247 -26.80 7.96 4.33
CA PHE B 247 -27.02 6.54 4.11
C PHE B 247 -26.04 5.95 3.11
N SER B 248 -25.94 6.58 1.95
CA SER B 248 -25.01 6.14 0.91
C SER B 248 -23.57 6.32 1.39
N ALA B 249 -23.36 7.19 2.37
CA ALA B 249 -22.04 7.36 2.96
C ALA B 249 -21.66 6.13 3.79
N GLU B 250 -22.66 5.51 4.41
CA GLU B 250 -22.43 4.31 5.22
C GLU B 250 -22.18 3.08 4.36
N ASP B 251 -23.04 2.88 3.35
CA ASP B 251 -22.84 1.77 2.42
C ASP B 251 -21.49 1.93 1.74
N GLU B 252 -21.17 3.16 1.38
CA GLU B 252 -19.87 3.49 0.83
C GLU B 252 -18.76 3.04 1.79
N THR B 253 -18.99 3.21 3.09
CA THR B 253 -17.99 2.86 4.09
C THR B 253 -17.71 1.35 4.11
N MET B 254 -18.75 0.54 3.95
CA MET B 254 -18.56 -0.90 3.88
C MET B 254 -17.86 -1.31 2.59
N LYS B 255 -18.07 -0.53 1.54
CA LYS B 255 -17.33 -0.69 0.28
C LYS B 255 -15.85 -0.49 0.52
N ASN B 256 -15.50 0.67 1.09
CA ASN B 256 -14.11 0.93 1.44
C ASN B 256 -13.51 -0.19 2.28
N ASN B 257 -14.28 -0.66 3.26
CA ASN B 257 -13.82 -1.73 4.15
C ASN B 257 -13.45 -3.02 3.41
N LEU B 258 -14.37 -3.50 2.57
CA LEU B 258 -14.12 -4.69 1.79
C LEU B 258 -12.92 -4.49 0.88
N GLN B 259 -12.89 -3.37 0.17
CA GLN B 259 -11.77 -3.07 -0.72
C GLN B 259 -10.42 -3.13 0.00
N THR B 260 -10.34 -2.50 1.17
CA THR B 260 -9.10 -2.45 1.93
C THR B 260 -8.66 -3.85 2.37
N LEU B 261 -9.63 -4.67 2.77
CA LEU B 261 -9.35 -6.04 3.17
C LEU B 261 -8.85 -6.86 1.99
N VAL B 262 -9.50 -6.72 0.85
CA VAL B 262 -9.09 -7.42 -0.35
C VAL B 262 -7.66 -7.05 -0.74
N GLN B 263 -7.32 -5.77 -0.59
CA GLN B 263 -5.98 -5.28 -0.86
C GLN B 263 -4.94 -5.86 0.10
N LYS B 264 -5.29 -5.94 1.39
CA LYS B 264 -4.40 -6.53 2.39
C LYS B 264 -4.12 -7.99 2.07
N TYR B 265 -5.16 -8.71 1.65
CA TYR B 265 -5.01 -10.12 1.31
C TYR B 265 -4.09 -10.28 0.10
N SER B 266 -4.27 -9.41 -0.89
CA SER B 266 -3.47 -9.46 -2.11
C SER B 266 -2.01 -9.21 -1.78
N ASN B 267 -1.75 -8.26 -0.90
CA ASN B 267 -0.38 -8.01 -0.45
C ASN B 267 0.18 -9.15 0.39
N ALA B 268 -0.65 -9.77 1.23
CA ALA B 268 -0.18 -10.94 1.99
C ALA B 268 0.22 -12.08 1.05
N ASN B 269 -0.56 -12.33 0.01
CA ASN B 269 -0.18 -13.33 -1.00
C ASN B 269 1.15 -12.99 -1.67
N SER B 270 1.32 -11.73 -2.02
CA SER B 270 2.57 -11.25 -2.59
C SER B 270 3.76 -11.49 -1.66
N ILE B 271 3.54 -11.26 -0.38
CA ILE B 271 4.58 -11.48 0.62
C ILE B 271 4.97 -12.97 0.65
N PHE B 272 3.97 -13.84 0.70
CA PHE B 272 4.22 -15.29 0.67
C PHE B 272 4.91 -15.70 -0.64
N ASP B 273 4.42 -15.18 -1.76
CA ASP B 273 4.99 -15.55 -3.07
C ASP B 273 6.46 -15.18 -3.15
N ASN B 274 6.78 -13.98 -2.65
CA ASN B 274 8.17 -13.51 -2.61
C ASN B 274 9.06 -14.30 -1.65
N LEU B 275 8.53 -14.61 -0.47
CA LEU B 275 9.26 -15.49 0.44
C LEU B 275 9.62 -16.82 -0.24
N VAL B 276 8.63 -17.46 -0.87
CA VAL B 276 8.90 -18.74 -1.54
C VAL B 276 9.92 -18.57 -2.67
N LYS B 277 9.81 -17.46 -3.40
CA LYS B 277 10.76 -17.16 -4.48
C LYS B 277 12.19 -17.08 -3.98
N VAL B 278 12.40 -16.41 -2.86
CA VAL B 278 13.72 -16.26 -2.28
C VAL B 278 14.24 -17.62 -1.87
N LEU B 279 13.42 -18.37 -1.13
CA LEU B 279 13.82 -19.68 -0.63
C LEU B 279 14.08 -20.68 -1.76
N SER B 280 13.50 -20.41 -2.91
CA SER B 280 13.58 -21.30 -4.08
C SER B 280 14.68 -20.88 -5.04
N SER B 281 15.26 -19.71 -4.81
CA SER B 281 16.25 -19.17 -5.73
C SER B 281 17.61 -19.83 -5.49
#